data_8BR9
#
_entry.id   8BR9
#
_cell.length_a   140.464
_cell.length_b   38.642
_cell.length_c   43.528
_cell.angle_alpha   90.000
_cell.angle_beta   90.000
_cell.angle_gamma   90.000
#
_symmetry.space_group_name_H-M   'P 21 21 2'
#
loop_
_entity.id
_entity.type
_entity.pdbx_description
1 polymer 'DNA repair and recombination protein RadA'
2 polymer 'Breast cancer type 2 susceptibility protein'
3 non-polymer "ADENOSINE-5'-DIPHOSPHATE"
4 non-polymer 4,6-diethylpyrimidin-2-amine
5 water water
#
loop_
_entity_poly.entity_id
_entity_poly.type
_entity_poly.pdbx_seq_one_letter_code
_entity_poly.pdbx_strand_id
1 'polypeptide(L)'
;MATIGRISTGSKSLDKLLGGGIETQAITEVFGEFGSGKTQLAHTLAVMVQLPPEEGGLNGSAMYIDTENTFRPERLREIA
QNRGLDPDEVLDNVAYARAFNSNHQMQLLYQASAMMVESLNTDRPYKLLIVDSLTSHFRSEYIGRGALAERQQKLARFLR
MLHRLANEFDIAVFVTNQVQANGGHILAHSATLRVYLRKGKGGKRIARLIDAPHLPEGEAVFSITEKGIED
;
A
2 'polypeptide(L)' KLNVSCQALQKACKLFSDIENISVNSSAFSGFSTASGK B
#
loop_
_chem_comp.id
_chem_comp.type
_chem_comp.name
_chem_comp.formula
ADP non-polymer ADENOSINE-5'-DIPHOSPHATE 'C10 H15 N5 O10 P2'
RF6 non-polymer 4,6-diethylpyrimidin-2-amine 'C8 H13 N3'
#
# COMPACT_ATOMS: atom_id res chain seq x y z
N ILE A 4 6.12 9.71 -12.18
CA ILE A 4 6.96 8.69 -11.47
C ILE A 4 7.41 9.30 -10.13
N GLY A 5 6.45 9.78 -9.33
CA GLY A 5 6.78 10.36 -8.02
C GLY A 5 7.32 9.31 -7.07
N ARG A 6 7.99 9.73 -6.00
CA ARG A 6 8.62 8.75 -5.06
C ARG A 6 8.20 9.04 -3.61
N ILE A 7 7.84 8.01 -2.87
CA ILE A 7 7.46 8.14 -1.46
C ILE A 7 8.58 7.56 -0.63
N SER A 8 9.10 8.36 0.31
CA SER A 8 10.16 7.95 1.23
C SER A 8 9.60 6.89 2.20
N THR A 9 10.41 5.87 2.51
CA THR A 9 10.07 4.81 3.48
C THR A 9 10.22 5.23 4.94
N GLY A 10 10.84 6.40 5.18
CA GLY A 10 11.17 6.87 6.53
C GLY A 10 12.62 6.56 6.91
N SER A 11 13.25 5.63 6.17
CA SER A 11 14.64 5.22 6.33
C SER A 11 15.46 5.70 5.14
N LYS A 12 16.57 6.39 5.42
CA LYS A 12 17.51 6.91 4.42
C LYS A 12 18.23 5.81 3.66
N SER A 13 18.68 4.76 4.35
CA SER A 13 19.38 3.64 3.70
C SER A 13 18.40 2.82 2.84
N LEU A 14 17.16 2.61 3.32
CA LEU A 14 16.15 1.92 2.53
C LEU A 14 15.82 2.77 1.30
N ASP A 15 15.73 4.11 1.46
CA ASP A 15 15.48 5.02 0.35
C ASP A 15 16.58 4.99 -0.72
N LYS A 16 17.88 4.99 -0.31
CA LYS A 16 18.98 4.90 -1.30
C LYS A 16 18.91 3.59 -2.07
N LEU A 17 18.53 2.49 -1.40
CA LEU A 17 18.41 1.16 -2.07
C LEU A 17 17.28 1.20 -3.11
N LEU A 18 16.21 1.94 -2.85
CA LEU A 18 15.03 1.95 -3.77
C LEU A 18 15.15 3.10 -4.76
N GLY A 19 16.26 3.82 -4.76
CA GLY A 19 16.47 4.95 -5.66
C GLY A 19 15.64 6.18 -5.32
N GLY A 20 15.39 6.40 -4.03
CA GLY A 20 14.66 7.56 -3.52
C GLY A 20 13.40 7.23 -2.74
N GLY A 21 12.90 6.01 -2.93
CA GLY A 21 11.69 5.52 -2.30
C GLY A 21 10.81 4.74 -3.29
N ILE A 22 9.57 4.43 -2.88
CA ILE A 22 8.69 3.66 -3.76
C ILE A 22 8.08 4.55 -4.88
N GLU A 23 8.00 4.01 -6.09
CA GLU A 23 7.56 4.83 -7.25
C GLU A 23 6.06 4.73 -7.53
N THR A 24 5.49 5.75 -8.16
CA THR A 24 4.07 5.69 -8.58
C THR A 24 4.04 4.98 -9.94
N GLN A 25 2.84 4.63 -10.43
CA GLN A 25 2.73 3.89 -11.72
C GLN A 25 3.53 2.60 -11.60
N ALA A 26 3.66 2.07 -10.38
CA ALA A 26 4.40 0.84 -10.14
C ALA A 26 3.84 0.13 -8.93
N ILE A 27 4.11 -1.19 -8.89
CA ILE A 27 3.71 -2.00 -7.71
C ILE A 27 4.99 -2.50 -7.03
N THR A 28 5.20 -2.10 -5.78
CA THR A 28 6.38 -2.52 -4.99
C THR A 28 5.86 -3.60 -4.07
N GLU A 29 6.48 -4.78 -4.12
CA GLU A 29 6.03 -5.92 -3.30
C GLU A 29 7.11 -6.24 -2.25
N VAL A 30 6.73 -6.22 -0.97
CA VAL A 30 7.69 -6.55 0.13
C VAL A 30 7.30 -7.91 0.71
N PHE A 31 8.22 -8.87 0.65
CA PHE A 31 7.92 -10.24 1.17
C PHE A 31 8.83 -10.57 2.35
N GLY A 32 8.28 -11.23 3.36
CA GLY A 32 9.08 -11.59 4.55
C GLY A 32 8.22 -12.26 5.61
N GLU A 33 8.85 -12.98 6.53
CA GLU A 33 8.13 -13.62 7.63
C GLU A 33 7.49 -12.60 8.59
N PHE A 34 6.66 -13.09 9.52
CA PHE A 34 6.01 -12.26 10.53
C PHE A 34 7.05 -11.53 11.39
N GLY A 35 6.94 -10.21 11.43
CA GLY A 35 7.84 -9.34 12.18
C GLY A 35 9.02 -8.80 11.39
N SER A 36 9.13 -9.15 10.08
CA SER A 36 10.24 -8.66 9.23
C SER A 36 10.17 -7.16 8.89
N GLY A 37 9.03 -6.52 9.20
CA GLY A 37 8.86 -5.08 8.95
C GLY A 37 7.90 -4.68 7.85
N LYS A 38 7.30 -5.65 7.16
CA LYS A 38 6.39 -5.36 6.00
C LYS A 38 5.23 -4.44 6.43
N THR A 39 4.46 -4.83 7.43
CA THR A 39 3.29 -4.06 7.88
C THR A 39 3.69 -2.71 8.48
N GLN A 40 4.84 -2.67 9.18
CA GLN A 40 5.38 -1.43 9.75
C GLN A 40 5.76 -0.49 8.63
N LEU A 41 6.38 -1.02 7.56
CA LEU A 41 6.73 -0.22 6.38
C LEU A 41 5.45 0.31 5.72
N ALA A 42 4.36 -0.50 5.66
CA ALA A 42 3.07 -0.02 5.10
C ALA A 42 2.49 1.11 5.94
N HIS A 43 2.49 0.98 7.28
CA HIS A 43 1.96 2.06 8.13
C HIS A 43 2.77 3.34 7.98
N THR A 44 4.10 3.21 7.88
CA THR A 44 4.99 4.35 7.73
C THR A 44 4.74 5.09 6.41
N LEU A 45 4.58 4.33 5.28
CA LEU A 45 4.33 4.90 3.96
C LEU A 45 3.01 5.67 3.93
N ALA A 46 2.00 5.19 4.68
CA ALA A 46 0.67 5.82 4.79
C ALA A 46 0.77 7.19 5.41
N VAL A 47 1.80 7.41 6.24
CA VAL A 47 2.08 8.71 6.87
C VAL A 47 2.97 9.53 5.92
N MET A 48 4.10 8.97 5.46
CA MET A 48 5.10 9.66 4.62
C MET A 48 4.52 10.28 3.34
N VAL A 49 3.55 9.60 2.68
CA VAL A 49 2.94 10.09 1.46
C VAL A 49 2.28 11.47 1.63
N GLN A 50 1.82 11.76 2.85
CA GLN A 50 1.08 12.98 3.15
C GLN A 50 1.96 14.23 3.24
N LEU A 51 3.27 14.04 3.36
CA LEU A 51 4.28 15.07 3.48
C LEU A 51 4.54 15.74 2.13
N PRO A 52 5.06 17.01 2.10
CA PRO A 52 5.44 17.63 0.82
C PRO A 52 6.60 16.85 0.17
N PRO A 53 6.86 17.01 -1.15
CA PRO A 53 7.98 16.28 -1.79
C PRO A 53 9.37 16.58 -1.22
N GLU A 54 9.58 17.78 -0.60
CA GLU A 54 10.87 18.16 0.02
C GLU A 54 11.11 17.25 1.23
N GLU A 55 10.01 16.85 1.90
CA GLU A 55 10.05 15.98 3.09
C GLU A 55 9.85 14.49 2.75
N GLY A 56 9.89 14.15 1.46
CA GLY A 56 9.79 12.77 0.99
C GLY A 56 8.41 12.23 0.70
N GLY A 57 7.38 13.08 0.73
CA GLY A 57 6.03 12.63 0.42
C GLY A 57 5.53 13.16 -0.90
N LEU A 58 4.22 13.05 -1.13
CA LEU A 58 3.65 13.55 -2.37
C LEU A 58 2.39 14.40 -2.15
N ASN A 59 2.23 15.02 -0.95
CA ASN A 59 1.05 15.81 -0.56
C ASN A 59 -0.25 15.02 -0.86
N GLY A 60 -0.20 13.72 -0.66
CA GLY A 60 -1.31 12.84 -0.95
C GLY A 60 -1.95 12.15 0.23
N SER A 61 -2.96 11.36 -0.11
CA SER A 61 -3.74 10.53 0.79
C SER A 61 -3.36 9.08 0.51
N ALA A 62 -3.71 8.19 1.44
CA ALA A 62 -3.32 6.77 1.29
C ALA A 62 -4.53 5.86 1.44
N MET A 63 -4.52 4.71 0.76
CA MET A 63 -5.60 3.71 0.91
C MET A 63 -4.98 2.42 1.45
N TYR A 64 -5.59 1.81 2.45
CA TYR A 64 -5.00 0.60 3.09
C TYR A 64 -5.99 -0.57 3.02
N ILE A 65 -5.71 -1.57 2.17
CA ILE A 65 -6.58 -2.78 2.12
C ILE A 65 -5.99 -3.81 3.08
N ASP A 66 -6.71 -4.11 4.16
CA ASP A 66 -6.21 -5.06 5.20
C ASP A 66 -6.89 -6.41 5.05
N THR A 67 -6.11 -7.44 4.75
CA THR A 67 -6.61 -8.81 4.60
C THR A 67 -6.36 -9.67 5.84
N GLU A 68 -5.35 -9.32 6.66
CA GLU A 68 -4.95 -10.12 7.82
C GLU A 68 -5.21 -9.48 9.19
N ASN A 69 -6.08 -8.47 9.27
CA ASN A 69 -6.42 -7.82 10.56
C ASN A 69 -5.13 -7.24 11.17
N THR A 70 -4.37 -6.48 10.39
CA THR A 70 -3.10 -5.88 10.82
C THR A 70 -3.10 -4.34 10.90
N PHE A 71 -4.16 -3.66 10.41
CA PHE A 71 -4.21 -2.20 10.38
C PHE A 71 -4.42 -1.60 11.74
N ARG A 72 -3.54 -0.66 12.11
CA ARG A 72 -3.62 -0.03 13.42
C ARG A 72 -3.64 1.48 13.36
N PRO A 73 -4.84 2.11 13.49
CA PRO A 73 -4.90 3.59 13.47
C PRO A 73 -4.03 4.24 14.57
N GLU A 74 -3.99 3.65 15.77
CA GLU A 74 -3.16 4.12 16.89
C GLU A 74 -1.65 4.07 16.55
N ARG A 75 -1.25 3.19 15.58
CA ARG A 75 0.13 3.09 15.13
C ARG A 75 0.45 4.28 14.20
N LEU A 76 -0.49 4.61 13.30
CA LEU A 76 -0.39 5.79 12.43
C LEU A 76 -0.32 7.06 13.30
N ARG A 77 -1.13 7.12 14.39
CA ARG A 77 -1.13 8.25 15.34
C ARG A 77 0.27 8.45 15.94
N GLU A 78 0.90 7.37 16.43
CA GLU A 78 2.23 7.37 17.04
C GLU A 78 3.32 7.82 16.06
N ILE A 79 3.35 7.23 14.84
CA ILE A 79 4.31 7.59 13.79
C ILE A 79 4.15 9.08 13.38
N ALA A 80 2.89 9.55 13.23
CA ALA A 80 2.61 10.94 12.87
C ALA A 80 3.13 11.87 13.99
N GLN A 81 2.74 11.60 15.24
CA GLN A 81 3.14 12.41 16.40
C GLN A 81 4.66 12.50 16.52
N ASN A 82 5.37 11.36 16.48
CA ASN A 82 6.82 11.32 16.64
C ASN A 82 7.59 11.90 15.44
N ARG A 83 6.89 12.16 14.31
CA ARG A 83 7.47 12.80 13.12
C ARG A 83 7.07 14.27 13.01
N GLY A 84 6.41 14.79 14.05
CA GLY A 84 6.02 16.19 14.14
C GLY A 84 4.82 16.62 13.32
N LEU A 85 3.96 15.66 12.95
CA LEU A 85 2.75 15.89 12.15
C LEU A 85 1.53 15.90 13.08
N ASP A 86 0.38 16.43 12.59
CA ASP A 86 -0.84 16.39 13.40
C ASP A 86 -1.45 14.98 13.23
N PRO A 87 -1.58 14.16 14.31
CA PRO A 87 -2.09 12.78 14.14
C PRO A 87 -3.53 12.66 13.63
N ASP A 88 -4.40 13.63 13.98
CA ASP A 88 -5.80 13.62 13.58
C ASP A 88 -5.99 13.84 12.08
N GLU A 89 -5.21 14.78 11.51
CA GLU A 89 -5.20 15.12 10.09
C GLU A 89 -4.63 13.93 9.30
N VAL A 90 -3.56 13.28 9.83
CA VAL A 90 -2.99 12.08 9.21
C VAL A 90 -4.03 10.94 9.10
N LEU A 91 -4.74 10.69 10.20
CA LEU A 91 -5.81 9.69 10.29
C LEU A 91 -6.98 9.99 9.32
N ASP A 92 -7.30 11.29 9.10
CA ASP A 92 -8.32 11.74 8.16
C ASP A 92 -7.93 11.48 6.70
N ASN A 93 -6.62 11.42 6.40
CA ASN A 93 -6.06 11.22 5.07
C ASN A 93 -5.69 9.79 4.73
N VAL A 94 -6.12 8.82 5.54
CA VAL A 94 -5.86 7.41 5.29
C VAL A 94 -7.22 6.71 5.24
N ALA A 95 -7.51 6.10 4.09
CA ALA A 95 -8.77 5.34 3.92
C ALA A 95 -8.45 3.87 4.14
N TYR A 96 -9.32 3.17 4.84
CA TYR A 96 -9.02 1.76 5.21
C TYR A 96 -10.24 0.85 4.95
N ALA A 97 -9.98 -0.37 4.48
CA ALA A 97 -11.07 -1.35 4.27
C ALA A 97 -10.53 -2.75 4.56
N ARG A 98 -11.29 -3.56 5.27
CA ARG A 98 -10.83 -4.93 5.62
C ARG A 98 -11.42 -5.94 4.62
N ALA A 99 -10.57 -6.72 3.96
CA ALA A 99 -11.05 -7.77 3.03
C ALA A 99 -11.17 -9.08 3.81
N PHE A 100 -12.37 -9.68 3.82
CA PHE A 100 -12.60 -10.92 4.60
C PHE A 100 -12.40 -12.14 3.70
N ASN A 101 -12.34 -11.92 2.38
CA ASN A 101 -12.11 -13.02 1.43
C ASN A 101 -11.58 -12.44 0.10
N SER A 102 -11.05 -13.29 -0.79
CA SER A 102 -10.45 -12.82 -2.07
C SER A 102 -11.46 -12.00 -2.89
N ASN A 103 -12.71 -12.44 -2.98
CA ASN A 103 -13.72 -11.74 -3.82
C ASN A 103 -13.88 -10.31 -3.32
N HIS A 104 -14.16 -10.14 -2.02
CA HIS A 104 -14.30 -8.78 -1.43
C HIS A 104 -13.05 -7.95 -1.72
N GLN A 105 -11.87 -8.57 -1.64
CA GLN A 105 -10.59 -7.87 -1.91
C GLN A 105 -10.61 -7.24 -3.31
N MET A 106 -11.04 -7.98 -4.34
CA MET A 106 -11.11 -7.42 -5.70
C MET A 106 -12.18 -6.33 -5.78
N GLN A 107 -13.36 -6.60 -5.19
CA GLN A 107 -14.47 -5.63 -5.21
C GLN A 107 -14.00 -4.25 -4.68
N LEU A 108 -13.11 -4.27 -3.68
CA LEU A 108 -12.65 -2.99 -3.06
C LEU A 108 -11.88 -2.13 -4.09
N LEU A 109 -11.20 -2.76 -5.05
CA LEU A 109 -10.48 -2.02 -6.08
C LEU A 109 -11.38 -1.14 -6.94
N TYR A 110 -12.65 -1.54 -7.14
CA TYR A 110 -13.59 -0.70 -7.91
C TYR A 110 -14.01 0.49 -7.05
N GLN A 111 -14.27 0.25 -5.76
CA GLN A 111 -14.61 1.34 -4.83
C GLN A 111 -13.40 2.29 -4.70
N ALA A 112 -12.18 1.75 -4.71
CA ALA A 112 -10.97 2.61 -4.64
C ALA A 112 -10.89 3.47 -5.90
N SER A 113 -11.07 2.87 -7.08
CA SER A 113 -11.04 3.61 -8.35
C SER A 113 -11.94 4.85 -8.30
N ALA A 114 -13.15 4.70 -7.73
CA ALA A 114 -14.16 5.76 -7.59
C ALA A 114 -13.67 6.90 -6.67
N MET A 115 -13.04 6.54 -5.55
CA MET A 115 -12.57 7.57 -4.58
C MET A 115 -11.38 8.34 -5.18
N MET A 116 -10.52 7.67 -5.93
CA MET A 116 -9.36 8.34 -6.57
C MET A 116 -9.89 9.40 -7.55
N VAL A 117 -10.81 9.01 -8.43
CA VAL A 117 -11.41 10.00 -9.38
C VAL A 117 -11.87 11.22 -8.58
N GLU A 118 -12.60 10.99 -7.49
CA GLU A 118 -13.10 12.10 -6.64
C GLU A 118 -11.92 12.86 -6.02
N SER A 119 -10.91 12.13 -5.54
CA SER A 119 -9.75 12.77 -4.87
C SER A 119 -9.02 13.70 -5.85
N LEU A 120 -9.16 13.43 -7.16
CA LEU A 120 -8.54 14.31 -8.17
C LEU A 120 -9.23 15.69 -8.08
N ASN A 121 -8.50 16.75 -8.44
CA ASN A 121 -9.07 18.13 -8.37
C ASN A 121 -9.08 18.59 -6.91
N THR A 122 -8.54 17.78 -5.99
CA THR A 122 -8.42 18.22 -4.57
C THR A 122 -6.94 18.49 -4.28
N ASP A 123 -6.62 19.03 -3.10
CA ASP A 123 -5.22 19.39 -2.81
C ASP A 123 -4.46 18.16 -2.29
N ARG A 124 -5.23 17.13 -1.85
CA ARG A 124 -4.70 15.89 -1.27
C ARG A 124 -5.25 14.69 -2.04
N PRO A 125 -4.84 14.45 -3.32
CA PRO A 125 -5.35 13.27 -4.02
C PRO A 125 -4.76 12.00 -3.43
N TYR A 126 -5.35 10.85 -3.73
CA TYR A 126 -4.77 9.56 -3.26
C TYR A 126 -3.50 9.28 -4.07
N LYS A 127 -2.40 8.97 -3.38
CA LYS A 127 -1.14 8.74 -4.09
C LYS A 127 -0.60 7.39 -3.75
N LEU A 128 -1.24 6.71 -2.79
CA LEU A 128 -0.70 5.40 -2.33
C LEU A 128 -1.83 4.41 -2.09
N LEU A 129 -1.68 3.18 -2.58
CA LEU A 129 -2.66 2.11 -2.30
C LEU A 129 -1.91 0.93 -1.69
N ILE A 130 -2.24 0.57 -0.45
CA ILE A 130 -1.54 -0.54 0.26
C ILE A 130 -2.43 -1.77 0.27
N VAL A 131 -1.88 -2.94 -0.08
CA VAL A 131 -2.63 -4.22 0.03
C VAL A 131 -1.82 -5.16 0.92
N ASP A 132 -2.22 -5.32 2.18
CA ASP A 132 -1.45 -6.15 3.14
C ASP A 132 -1.83 -7.63 2.97
N SER A 133 -0.84 -8.52 2.88
CA SER A 133 -1.11 -9.97 2.67
C SER A 133 -1.90 -10.13 1.37
N LEU A 134 -1.32 -9.71 0.24
CA LEU A 134 -2.00 -9.77 -1.07
C LEU A 134 -2.46 -11.21 -1.37
N THR A 135 -1.69 -12.22 -0.95
CA THR A 135 -2.01 -13.63 -1.32
C THR A 135 -2.68 -14.39 -0.18
N SER A 136 -2.81 -13.79 1.00
CA SER A 136 -3.37 -14.50 2.19
C SER A 136 -4.66 -15.25 1.82
N HIS A 137 -5.68 -14.53 1.35
CA HIS A 137 -7.00 -15.15 1.05
C HIS A 137 -6.85 -16.18 -0.08
N PHE A 138 -6.09 -15.85 -1.12
CA PHE A 138 -5.91 -16.75 -2.28
C PHE A 138 -5.36 -18.11 -1.80
N ARG A 139 -4.36 -18.07 -0.91
CA ARG A 139 -3.74 -19.32 -0.40
C ARG A 139 -4.77 -20.08 0.46
N SER A 140 -5.48 -19.37 1.34
CA SER A 140 -6.44 -20.03 2.26
C SER A 140 -7.62 -20.63 1.51
N GLU A 141 -8.17 -19.91 0.52
CA GLU A 141 -9.40 -20.38 -0.17
C GLU A 141 -9.06 -21.41 -1.26
N TYR A 142 -7.83 -21.42 -1.75
CA TYR A 142 -7.48 -22.33 -2.88
C TYR A 142 -6.44 -23.36 -2.43
N ILE A 143 -6.89 -24.52 -1.95
CA ILE A 143 -5.99 -25.59 -1.52
C ILE A 143 -6.21 -26.82 -2.41
N GLY A 144 -5.14 -27.31 -3.04
CA GLY A 144 -5.27 -28.44 -3.97
C GLY A 144 -4.82 -28.05 -5.37
N ARG A 145 -4.15 -28.95 -6.08
CA ARG A 145 -3.61 -28.63 -7.44
C ARG A 145 -4.75 -28.17 -8.36
N GLY A 146 -5.97 -28.66 -8.13
CA GLY A 146 -7.11 -28.32 -9.00
C GLY A 146 -7.50 -26.86 -8.93
N ALA A 147 -7.40 -26.24 -7.74
CA ALA A 147 -7.83 -24.83 -7.58
C ALA A 147 -6.71 -23.86 -7.95
N LEU A 148 -5.52 -24.37 -8.26
CA LEU A 148 -4.35 -23.48 -8.55
C LEU A 148 -4.66 -22.61 -9.77
N ALA A 149 -5.24 -23.18 -10.81
CA ALA A 149 -5.51 -22.41 -12.05
C ALA A 149 -6.35 -21.17 -11.69
N GLU A 150 -7.46 -21.38 -10.98
CA GLU A 150 -8.32 -20.24 -10.56
C GLU A 150 -7.54 -19.36 -9.59
N ARG A 151 -6.78 -19.97 -8.68
CA ARG A 151 -5.99 -19.21 -7.68
C ARG A 151 -5.02 -18.27 -8.43
N GLN A 152 -4.26 -18.83 -9.37
CA GLN A 152 -3.27 -18.01 -10.12
C GLN A 152 -3.98 -16.95 -10.95
N GLN A 153 -5.05 -17.34 -11.66
CA GLN A 153 -5.75 -16.38 -12.55
C GLN A 153 -6.36 -15.25 -11.70
N LYS A 154 -6.92 -15.58 -10.55
CA LYS A 154 -7.58 -14.55 -9.69
C LYS A 154 -6.52 -13.56 -9.20
N LEU A 155 -5.39 -14.07 -8.72
CA LEU A 155 -4.28 -13.20 -8.24
C LEU A 155 -3.79 -12.36 -9.43
N ALA A 156 -3.54 -12.99 -10.57
CA ALA A 156 -3.03 -12.27 -11.76
C ALA A 156 -4.01 -11.15 -12.14
N ARG A 157 -5.32 -11.45 -12.10
CA ARG A 157 -6.35 -10.44 -12.45
C ARG A 157 -6.28 -9.29 -11.45
N PHE A 158 -6.13 -9.59 -10.16
CA PHE A 158 -6.03 -8.55 -9.12
C PHE A 158 -4.82 -7.66 -9.39
N LEU A 159 -3.68 -8.28 -9.70
CA LEU A 159 -2.42 -7.52 -9.95
C LEU A 159 -2.61 -6.63 -11.19
N ARG A 160 -3.25 -7.14 -12.24
CA ARG A 160 -3.47 -6.34 -13.47
C ARG A 160 -4.29 -5.10 -13.11
N MET A 161 -5.31 -5.27 -12.27
CA MET A 161 -6.17 -4.15 -11.87
C MET A 161 -5.34 -3.14 -11.06
N LEU A 162 -4.44 -3.64 -10.21
CA LEU A 162 -3.57 -2.73 -9.42
C LEU A 162 -2.68 -1.93 -10.38
N HIS A 163 -2.11 -2.57 -11.39
CA HIS A 163 -1.27 -1.86 -12.40
C HIS A 163 -2.12 -0.79 -13.11
N ARG A 164 -3.34 -1.16 -13.49
CA ARG A 164 -4.22 -0.21 -14.21
C ARG A 164 -4.49 0.99 -13.29
N LEU A 165 -4.84 0.72 -12.04
CA LEU A 165 -5.11 1.82 -11.08
C LEU A 165 -3.84 2.68 -10.93
N ALA A 166 -2.68 2.06 -10.88
CA ALA A 166 -1.41 2.81 -10.68
C ALA A 166 -1.11 3.67 -11.91
N ASN A 167 -1.22 3.09 -13.10
CA ASN A 167 -0.86 3.81 -14.34
C ASN A 167 -1.89 4.90 -14.65
N GLU A 168 -3.14 4.70 -14.23
CA GLU A 168 -4.22 5.68 -14.56
C GLU A 168 -4.24 6.82 -13.56
N PHE A 169 -4.10 6.52 -12.27
CA PHE A 169 -4.19 7.61 -11.25
C PHE A 169 -2.81 8.04 -10.75
N ASP A 170 -1.74 7.61 -11.44
CA ASP A 170 -0.37 7.98 -11.03
C ASP A 170 -0.22 7.73 -9.52
N ILE A 171 -0.49 6.50 -9.08
CA ILE A 171 -0.40 6.16 -7.66
C ILE A 171 0.67 5.12 -7.44
N ALA A 172 1.24 5.10 -6.25
CA ALA A 172 2.21 4.05 -5.89
C ALA A 172 1.40 2.92 -5.26
N VAL A 173 1.60 1.69 -5.74
CA VAL A 173 0.97 0.52 -5.15
C VAL A 173 2.01 -0.22 -4.33
N PHE A 174 1.68 -0.52 -3.07
CA PHE A 174 2.57 -1.19 -2.15
C PHE A 174 1.89 -2.45 -1.60
N VAL A 175 2.47 -3.62 -1.87
CA VAL A 175 1.79 -4.88 -1.44
C VAL A 175 2.74 -5.69 -0.55
N THR A 176 2.20 -6.36 0.47
CA THR A 176 3.03 -7.22 1.35
C THR A 176 2.70 -8.68 1.05
N ASN A 177 3.69 -9.56 1.14
CA ASN A 177 3.45 -11.01 0.89
C ASN A 177 4.30 -11.82 1.88
N GLN A 178 3.74 -12.89 2.43
CA GLN A 178 4.48 -13.75 3.37
C GLN A 178 5.51 -14.61 2.62
N THR A 192 5.94 -5.79 -9.52
CA THR A 192 7.13 -5.57 -10.32
C THR A 192 8.39 -5.51 -9.43
N LEU A 193 8.58 -4.42 -8.68
CA LEU A 193 9.75 -4.30 -7.78
C LEU A 193 9.56 -5.22 -6.57
N ARG A 194 10.45 -6.20 -6.40
CA ARG A 194 10.35 -7.15 -5.26
C ARG A 194 11.44 -6.84 -4.23
N VAL A 195 11.06 -6.72 -2.97
CA VAL A 195 12.04 -6.44 -1.88
C VAL A 195 11.85 -7.50 -0.78
N TYR A 196 12.92 -8.22 -0.44
CA TYR A 196 12.85 -9.27 0.62
C TYR A 196 13.29 -8.67 1.96
N LEU A 197 12.45 -8.81 2.98
CA LEU A 197 12.81 -8.30 4.34
C LEU A 197 13.13 -9.49 5.24
N ARG A 198 14.09 -9.31 6.17
CA ARG A 198 14.45 -10.38 7.12
C ARG A 198 15.05 -9.76 8.39
N LYS A 199 15.01 -10.49 9.52
CA LYS A 199 15.55 -9.97 10.78
C LYS A 199 17.07 -10.06 10.82
N GLY A 203 16.99 -6.08 16.44
CA GLY A 203 16.28 -4.85 16.08
C GLY A 203 16.49 -4.36 14.66
N LYS A 204 17.71 -4.51 14.15
CA LYS A 204 18.03 -4.09 12.78
C LYS A 204 17.60 -5.14 11.75
N ARG A 205 16.58 -4.78 10.95
CA ARG A 205 16.08 -5.64 9.90
C ARG A 205 16.90 -5.37 8.64
N ILE A 206 16.91 -6.32 7.69
CA ILE A 206 17.69 -6.15 6.44
C ILE A 206 16.75 -6.24 5.24
N ALA A 207 16.94 -5.36 4.25
CA ALA A 207 16.11 -5.38 3.02
C ALA A 207 17.02 -5.73 1.82
N ARG A 208 16.56 -6.62 0.95
CA ARG A 208 17.38 -7.04 -0.21
C ARG A 208 16.56 -6.91 -1.50
N LEU A 209 17.10 -6.23 -2.51
CA LEU A 209 16.39 -6.07 -3.81
C LEU A 209 16.40 -7.40 -4.56
N ILE A 210 15.28 -7.75 -5.20
CA ILE A 210 15.20 -9.02 -5.98
C ILE A 210 15.24 -8.67 -7.47
N ASP A 211 16.39 -8.81 -8.12
CA ASP A 211 16.52 -8.56 -9.58
C ASP A 211 15.75 -7.30 -9.97
N ALA A 212 16.05 -6.17 -9.33
CA ALA A 212 15.39 -4.89 -9.70
C ALA A 212 15.69 -4.57 -11.17
N PRO A 213 14.68 -4.17 -11.98
CA PRO A 213 14.89 -3.91 -13.42
C PRO A 213 15.75 -2.70 -13.78
N HIS A 214 15.69 -1.62 -12.96
CA HIS A 214 16.46 -0.41 -13.23
C HIS A 214 17.39 -0.02 -12.10
N LEU A 215 17.11 -0.53 -10.89
CA LEU A 215 17.93 -0.19 -9.70
C LEU A 215 19.07 -1.21 -9.55
N PRO A 216 20.19 -0.85 -8.90
CA PRO A 216 21.32 -1.77 -8.71
C PRO A 216 21.08 -2.81 -7.61
N GLU A 217 21.68 -3.99 -7.75
CA GLU A 217 21.58 -5.04 -6.73
C GLU A 217 22.18 -4.51 -5.41
N GLY A 218 21.55 -4.88 -4.29
CA GLY A 218 22.07 -4.46 -2.97
C GLY A 218 21.18 -4.72 -1.78
N GLU A 219 21.63 -4.33 -0.58
CA GLU A 219 20.93 -4.47 0.70
C GLU A 219 20.96 -3.19 1.52
N ALA A 220 20.01 -3.06 2.47
CA ALA A 220 19.91 -1.92 3.37
C ALA A 220 19.42 -2.36 4.75
N VAL A 221 20.04 -1.82 5.79
CA VAL A 221 19.73 -2.08 7.19
C VAL A 221 18.76 -1.00 7.66
N PHE A 222 17.71 -1.37 8.41
CA PHE A 222 16.74 -0.40 8.92
C PHE A 222 16.23 -0.84 10.30
N SER A 223 15.57 0.06 11.04
N SER A 223 15.54 0.05 11.02
CA SER A 223 15.02 -0.22 12.36
CA SER A 223 14.99 -0.25 12.35
C SER A 223 13.51 0.05 12.40
C SER A 223 13.50 0.08 12.44
N ILE A 224 12.78 -0.58 13.36
CA ILE A 224 11.36 -0.32 13.60
C ILE A 224 11.34 0.42 14.94
N THR A 225 10.83 1.67 14.95
CA THR A 225 10.84 2.52 16.14
C THR A 225 9.47 3.16 16.40
N GLU A 226 9.42 4.15 17.33
CA GLU A 226 8.19 4.91 17.61
C GLU A 226 7.82 5.83 16.43
N LYS A 227 8.77 6.04 15.49
CA LYS A 227 8.62 6.82 14.25
C LYS A 227 8.32 5.90 13.04
N GLY A 228 8.05 4.61 13.31
CA GLY A 228 7.78 3.62 12.27
C GLY A 228 9.09 3.05 11.78
N ILE A 229 9.35 3.17 10.49
CA ILE A 229 10.62 2.72 9.91
C ILE A 229 11.59 3.89 9.91
N GLU A 230 12.85 3.66 10.27
CA GLU A 230 13.91 4.66 10.17
C GLU A 230 15.27 3.95 10.25
N ASP A 231 16.38 4.64 9.90
CA ASP A 231 17.75 4.11 9.96
C ASP A 231 18.14 3.59 11.36
N LYS B 1 -17.15 6.35 7.63
CA LYS B 1 -17.55 5.58 6.44
C LYS B 1 -17.43 6.45 5.15
N LEU B 2 -16.71 5.95 4.14
CA LEU B 2 -16.52 6.64 2.87
C LEU B 2 -17.44 6.05 1.79
N ASN B 3 -18.56 6.71 1.56
CA ASN B 3 -19.57 6.27 0.60
C ASN B 3 -19.22 6.58 -0.84
N VAL B 4 -19.56 5.63 -1.71
CA VAL B 4 -19.36 5.68 -3.14
C VAL B 4 -20.77 5.47 -3.73
N SER B 5 -21.21 6.38 -4.61
CA SER B 5 -22.55 6.29 -5.22
C SER B 5 -22.60 5.09 -6.17
N CYS B 6 -23.80 4.55 -6.43
CA CYS B 6 -23.94 3.45 -7.38
C CYS B 6 -23.35 3.87 -8.72
N GLN B 7 -23.62 5.12 -9.12
CA GLN B 7 -23.18 5.76 -10.37
C GLN B 7 -21.65 5.76 -10.48
N ALA B 8 -20.95 6.22 -9.42
CA ALA B 8 -19.49 6.25 -9.37
C ALA B 8 -18.93 4.82 -9.54
N LEU B 9 -19.55 3.84 -8.83
CA LEU B 9 -19.14 2.44 -8.86
C LEU B 9 -19.29 1.83 -10.26
N GLN B 10 -20.34 2.29 -11.01
CA GLN B 10 -20.62 1.87 -12.38
C GLN B 10 -19.53 2.37 -13.32
N LYS B 11 -19.13 3.66 -13.17
CA LYS B 11 -18.05 4.31 -13.94
C LYS B 11 -16.73 3.56 -13.74
N ALA B 12 -16.46 3.12 -12.50
CA ALA B 12 -15.25 2.36 -12.10
C ALA B 12 -15.25 1.01 -12.84
N CYS B 13 -16.35 0.26 -12.75
CA CYS B 13 -16.47 -1.01 -13.46
C CYS B 13 -16.29 -0.82 -14.98
N LYS B 14 -16.89 0.26 -15.54
CA LYS B 14 -16.78 0.57 -16.98
C LYS B 14 -15.30 0.83 -17.34
N LEU B 15 -14.61 1.71 -16.57
CA LEU B 15 -13.21 2.06 -16.76
C LEU B 15 -12.26 0.83 -16.83
N PHE B 16 -12.61 -0.26 -16.14
CA PHE B 16 -11.72 -1.45 -16.09
C PHE B 16 -12.39 -2.67 -16.75
N SER B 17 -13.20 -2.45 -17.79
CA SER B 17 -13.87 -3.52 -18.56
C SER B 17 -13.33 -3.61 -20.00
N ASP B 18 -12.43 -2.70 -20.36
CA ASP B 18 -11.79 -2.66 -21.67
C ASP B 18 -10.35 -3.11 -21.65
N SER B 30 -19.24 -4.43 1.97
CA SER B 30 -18.53 -3.47 2.83
C SER B 30 -17.47 -2.69 2.03
N GLY B 31 -17.22 -1.44 2.44
CA GLY B 31 -16.28 -0.55 1.77
C GLY B 31 -15.20 0.08 2.65
N PHE B 32 -14.86 1.32 2.28
CA PHE B 32 -13.77 2.02 2.99
C PHE B 32 -14.29 2.97 4.06
N SER B 33 -13.41 3.33 4.99
CA SER B 33 -13.69 4.25 6.08
C SER B 33 -12.38 5.00 6.33
N THR B 34 -12.43 6.26 6.80
CA THR B 34 -11.18 6.93 7.15
C THR B 34 -10.59 6.17 8.38
N ALA B 35 -9.27 6.24 8.62
CA ALA B 35 -8.63 5.58 9.77
C ALA B 35 -9.24 6.00 11.12
N SER B 36 -9.86 7.21 11.15
CA SER B 36 -10.58 7.81 12.27
C SER B 36 -11.89 7.08 12.56
N GLY B 37 -12.39 6.34 11.57
CA GLY B 37 -13.62 5.56 11.67
C GLY B 37 -14.82 6.10 10.93
N LYS B 38 -14.62 7.08 10.01
CA LYS B 38 -15.70 7.65 9.21
C LYS B 38 -15.94 6.86 7.89
PB ADP C . 4.09 -8.40 9.63
O1B ADP C . 4.47 -7.64 8.37
O2B ADP C . 4.52 -9.84 9.39
O3B ADP C . 2.59 -8.25 9.96
PA ADP C . 5.32 -6.29 11.15
O1A ADP C . 5.91 -5.61 9.97
O2A ADP C . 4.00 -5.65 11.58
O3A ADP C . 5.02 -7.81 10.77
O5' ADP C . 6.36 -6.14 12.39
C5' ADP C . 6.08 -6.50 13.76
C4' ADP C . 7.17 -5.93 14.63
O4' ADP C . 7.10 -4.49 14.60
C3' ADP C . 7.07 -6.31 16.10
O3' ADP C . 7.74 -7.55 16.30
C2' ADP C . 7.74 -5.13 16.81
O2' ADP C . 9.13 -5.33 17.03
C1' ADP C . 7.52 -3.95 15.84
N9 ADP C . 6.53 -2.97 16.28
C8 ADP C . 5.17 -3.02 16.11
N7 ADP C . 4.53 -2.00 16.64
C5 ADP C . 5.53 -1.23 17.19
C6 ADP C . 5.51 0.00 17.90
N6 ADP C . 4.40 0.65 18.22
N1 ADP C . 6.70 0.53 18.28
C2 ADP C . 7.82 -0.15 17.99
N3 ADP C . 7.96 -1.31 17.36
C4 ADP C . 6.77 -1.80 16.97
H5'1 ADP C . 5.99 -7.58 13.86
H5'2 ADP C . 5.11 -6.06 13.95
H4' ADP C . 8.14 -6.15 14.19
H3' ADP C . 6.03 -6.43 16.40
HO3' ADP C . 7.21 -8.06 16.96
H2' ADP C . 7.25 -4.94 17.76
HO2' ADP C . 9.19 -6.12 17.62
H1' ADP C . 8.45 -3.42 15.66
H8 ADP C . 4.66 -3.82 15.58
HN61 ADP C . 4.43 1.53 18.73
HN62 ADP C . 3.49 0.26 17.96
H2 ADP C . 8.74 0.35 18.33
C6 RF6 D . -24.34 -0.92 -8.98
C7 RF6 D . -24.61 0.18 -7.99
N1 RF6 D . -23.27 -2.56 -7.54
C2 RF6 D . -20.95 -2.60 -9.01
N2 RF6 D . -22.29 -4.11 -6.14
C4 RF6 D . -23.14 -1.78 -8.63
N RF6 D . -21.04 -3.39 -7.93
C RF6 D . -19.63 -2.01 -11.12
C1 RF6 D . -19.64 -2.66 -9.74
C3 RF6 D . -22.20 -3.35 -7.23
C5 RF6 D . -21.99 -1.76 -9.39
#